data_1FX3
#
_entry.id   1FX3
#
_cell.length_a   126.344
_cell.length_b   126.344
_cell.length_c   148.333
_cell.angle_alpha   90.00
_cell.angle_beta   90.00
_cell.angle_gamma   90.00
#
_symmetry.space_group_name_H-M   'P 43 21 2'
#
loop_
_entity.id
_entity.type
_entity.pdbx_description
1 polymer 'PROTEIN-EXPORT PROTEIN SECB'
2 water water
#
_entity_poly.entity_id   1
_entity_poly.type   'polypeptide(L)'
_entity_poly.pdbx_seq_one_letter_code
;MSEQKQDVAATEEQQPVLQIQRIYVKDVSFEAPNLPHIFQQEWKPKLGFDLSTETTQVGDDLYEVVLNISVETTLEDSGD
VAFICEVKQAGVFTISGLEDVQMAHCLTSQCPNMLFPYARELVSNLVNRGTFPALNLSPVNFDALFVEYMNRQQAENAEE
KSEEEQTKH
;
_entity_poly.pdbx_strand_id   A,B,C,D
#
# COMPACT_ATOMS: atom_id res chain seq x y z
N GLN A 15 4.95 39.55 -11.65
CA GLN A 15 5.15 38.66 -10.47
C GLN A 15 5.31 37.20 -10.90
N PRO A 16 6.26 36.47 -10.27
CA PRO A 16 6.53 35.05 -10.57
C PRO A 16 5.46 34.09 -10.04
N VAL A 17 5.35 32.93 -10.67
CA VAL A 17 4.38 31.91 -10.27
C VAL A 17 4.94 30.49 -10.33
N LEU A 18 4.78 29.75 -9.23
CA LEU A 18 5.24 28.37 -9.16
C LEU A 18 4.13 27.63 -8.46
N GLN A 19 3.42 26.78 -9.20
CA GLN A 19 2.32 26.03 -8.63
C GLN A 19 2.24 24.62 -9.18
N ILE A 20 1.85 23.69 -8.33
CA ILE A 20 1.72 22.30 -8.72
C ILE A 20 0.28 22.08 -9.21
N GLN A 21 0.12 21.43 -10.35
CA GLN A 21 -1.20 21.13 -10.93
C GLN A 21 -1.59 19.66 -10.62
N ARG A 22 -0.61 18.76 -10.71
CA ARG A 22 -0.85 17.34 -10.45
C ARG A 22 0.47 16.60 -10.16
N ILE A 23 0.39 15.56 -9.33
CA ILE A 23 1.53 14.73 -8.97
C ILE A 23 1.06 13.30 -9.31
N TYR A 24 1.88 12.55 -10.03
CA TYR A 24 1.51 11.21 -10.44
C TYR A 24 2.70 10.39 -10.94
N VAL A 25 2.61 9.08 -10.79
CA VAL A 25 3.69 8.22 -11.24
C VAL A 25 3.59 7.91 -12.75
N LYS A 26 4.68 8.08 -13.50
CA LYS A 26 4.64 7.77 -14.93
C LYS A 26 5.19 6.38 -15.17
N ASP A 27 5.95 5.85 -14.22
CA ASP A 27 6.53 4.55 -14.41
C ASP A 27 7.12 3.95 -13.13
N VAL A 28 6.79 2.71 -12.84
CA VAL A 28 7.27 2.06 -11.64
C VAL A 28 7.75 0.70 -11.98
N SER A 29 8.63 0.17 -11.13
CA SER A 29 9.22 -1.13 -11.37
C SER A 29 9.80 -1.71 -10.10
N PHE A 30 9.87 -3.02 -10.03
CA PHE A 30 10.42 -3.61 -8.84
C PHE A 30 10.68 -5.10 -9.00
N GLU A 31 11.81 -5.42 -9.63
CA GLU A 31 12.22 -6.79 -9.84
C GLU A 31 12.95 -7.29 -8.59
N ALA A 32 12.92 -8.58 -8.34
CA ALA A 32 13.57 -9.16 -7.16
C ALA A 32 13.75 -10.64 -7.50
N PRO A 33 14.61 -10.93 -8.50
CA PRO A 33 14.96 -12.25 -9.05
C PRO A 33 15.15 -13.42 -8.11
N ASN A 34 16.38 -13.62 -7.70
CA ASN A 34 16.82 -14.71 -6.82
C ASN A 34 16.03 -14.77 -5.55
N LEU A 35 14.72 -14.54 -5.69
CA LEU A 35 13.84 -14.46 -4.55
C LEU A 35 13.58 -15.56 -3.53
N PRO A 36 12.65 -16.48 -3.80
CA PRO A 36 12.37 -17.53 -2.80
C PRO A 36 13.47 -17.82 -1.81
N HIS A 37 14.70 -17.94 -2.30
CA HIS A 37 15.86 -18.28 -1.46
C HIS A 37 16.65 -17.17 -0.79
N ILE A 38 17.11 -16.19 -1.57
CA ILE A 38 17.91 -15.08 -1.05
C ILE A 38 17.60 -14.72 0.42
N PHE A 39 16.37 -14.97 0.86
CA PHE A 39 15.96 -14.66 2.24
C PHE A 39 16.71 -15.51 3.26
N GLN A 40 17.43 -16.52 2.77
CA GLN A 40 18.19 -17.40 3.64
C GLN A 40 19.49 -16.68 4.00
N GLN A 41 20.19 -16.20 2.96
CA GLN A 41 21.44 -15.47 3.12
C GLN A 41 21.29 -14.40 4.23
N GLU A 42 22.40 -13.89 4.75
CA GLU A 42 22.38 -12.88 5.82
C GLU A 42 22.27 -11.48 5.22
N TRP A 43 21.55 -10.61 5.91
CA TRP A 43 21.33 -9.26 5.42
C TRP A 43 22.50 -8.26 5.52
N LYS A 44 23.24 -8.16 4.44
CA LYS A 44 24.38 -7.25 4.37
C LYS A 44 24.35 -6.59 2.98
N PRO A 45 23.59 -5.49 2.86
CA PRO A 45 23.34 -4.63 1.70
C PRO A 45 24.47 -3.87 1.00
N LYS A 46 24.12 -3.28 -0.13
CA LYS A 46 25.06 -2.50 -0.95
C LYS A 46 24.23 -1.62 -1.90
N LEU A 47 23.42 -0.75 -1.31
CA LEU A 47 22.52 0.17 -2.03
C LEU A 47 23.19 0.88 -3.20
N GLY A 48 22.57 0.80 -4.37
CA GLY A 48 23.15 1.44 -5.54
C GLY A 48 22.29 2.55 -6.10
N PHE A 49 22.09 3.59 -5.29
CA PHE A 49 21.29 4.78 -5.66
C PHE A 49 21.75 5.38 -6.98
N ASP A 50 20.95 6.31 -7.48
CA ASP A 50 21.21 7.00 -8.73
C ASP A 50 19.96 7.90 -8.85
N LEU A 51 20.10 9.04 -9.53
CA LEU A 51 18.99 9.96 -9.64
C LEU A 51 19.08 10.94 -10.80
N SER A 52 17.93 11.37 -11.28
CA SER A 52 17.92 12.31 -12.40
C SER A 52 16.61 13.06 -12.44
N THR A 53 16.52 14.03 -13.34
CA THR A 53 15.31 14.81 -13.50
C THR A 53 15.25 15.36 -14.91
N GLU A 54 14.09 15.20 -15.56
CA GLU A 54 13.89 15.73 -16.90
C GLU A 54 12.75 16.70 -16.79
N THR A 55 12.70 17.67 -17.68
CA THR A 55 11.66 18.67 -17.65
C THR A 55 11.10 18.94 -19.04
N THR A 56 9.88 18.52 -19.26
CA THR A 56 9.26 18.76 -20.55
C THR A 56 8.23 19.87 -20.45
N GLN A 57 8.28 20.82 -21.38
CA GLN A 57 7.26 21.86 -21.37
C GLN A 57 6.02 21.22 -21.97
N VAL A 58 4.86 21.54 -21.42
CA VAL A 58 3.61 20.96 -21.89
C VAL A 58 2.66 21.95 -22.50
N GLY A 59 2.28 22.95 -21.71
CA GLY A 59 1.40 23.97 -22.22
C GLY A 59 2.05 25.30 -21.94
N ASP A 60 1.31 26.38 -22.16
CA ASP A 60 1.87 27.68 -21.88
C ASP A 60 2.07 27.67 -20.37
N ASP A 61 3.29 27.94 -19.94
CA ASP A 61 3.57 28.01 -18.52
C ASP A 61 3.34 26.70 -17.75
N LEU A 62 3.34 25.57 -18.45
CA LEU A 62 3.12 24.29 -17.77
C LEU A 62 4.32 23.41 -18.02
N TYR A 63 4.84 22.82 -16.94
CA TYR A 63 6.02 21.98 -17.08
C TYR A 63 5.87 20.66 -16.37
N GLU A 64 6.35 19.60 -17.02
CA GLU A 64 6.30 18.31 -16.38
C GLU A 64 7.71 18.06 -15.86
N VAL A 65 7.85 18.01 -14.55
CA VAL A 65 9.15 17.74 -13.95
C VAL A 65 9.07 16.33 -13.45
N VAL A 66 9.95 15.50 -13.98
CA VAL A 66 10.01 14.09 -13.67
C VAL A 66 11.31 13.76 -12.94
N LEU A 67 11.17 13.17 -11.78
CA LEU A 67 12.29 12.78 -10.96
C LEU A 67 12.58 11.31 -11.16
N ASN A 68 13.65 10.99 -11.88
CA ASN A 68 14.00 9.58 -12.13
C ASN A 68 14.90 9.03 -11.04
N ILE A 69 14.54 7.88 -10.51
CA ILE A 69 15.27 7.25 -9.43
C ILE A 69 15.44 5.74 -9.54
N SER A 70 16.65 5.25 -9.28
CA SER A 70 16.95 3.81 -9.32
C SER A 70 17.65 3.44 -8.04
N VAL A 71 17.19 2.39 -7.39
CA VAL A 71 17.76 1.93 -6.15
C VAL A 71 18.09 0.50 -6.46
N GLU A 72 19.10 -0.05 -5.81
CA GLU A 72 19.48 -1.43 -6.09
C GLU A 72 20.31 -2.09 -5.02
N THR A 73 19.67 -2.53 -3.94
CA THR A 73 20.38 -3.22 -2.89
C THR A 73 21.12 -4.36 -3.60
N THR A 74 22.19 -4.88 -3.01
CA THR A 74 22.95 -5.91 -3.70
C THR A 74 23.65 -7.00 -2.90
N LEU A 75 23.52 -6.98 -1.58
CA LEU A 75 24.16 -8.00 -0.73
C LEU A 75 25.58 -8.42 -1.18
N GLU A 76 26.57 -7.67 -0.71
CA GLU A 76 28.01 -7.81 -0.99
C GLU A 76 28.63 -9.11 -1.55
N ASP A 77 28.92 -10.05 -0.66
CA ASP A 77 29.54 -11.34 -1.01
C ASP A 77 28.99 -12.08 -2.23
N SER A 78 27.68 -12.33 -2.26
CA SER A 78 27.05 -13.02 -3.37
C SER A 78 27.10 -12.17 -4.63
N GLY A 79 26.76 -10.89 -4.48
CA GLY A 79 26.75 -10.00 -5.63
C GLY A 79 25.48 -10.26 -6.40
N ASP A 80 24.59 -11.05 -5.79
CA ASP A 80 23.30 -11.39 -6.39
C ASP A 80 22.28 -10.34 -5.96
N VAL A 81 21.60 -9.75 -6.93
CA VAL A 81 20.60 -8.73 -6.66
C VAL A 81 19.60 -9.15 -5.58
N ALA A 82 19.22 -8.20 -4.73
CA ALA A 82 18.23 -8.46 -3.68
C ALA A 82 16.94 -7.81 -4.18
N PHE A 83 17.10 -6.80 -5.03
CA PHE A 83 16.00 -6.09 -5.65
C PHE A 83 16.43 -4.86 -6.40
N ILE A 84 15.61 -4.48 -7.37
CA ILE A 84 15.91 -3.32 -8.17
C ILE A 84 14.66 -2.50 -8.39
N CYS A 85 14.48 -1.50 -7.53
CA CYS A 85 13.33 -0.62 -7.61
C CYS A 85 13.63 0.61 -8.44
N GLU A 86 12.76 0.90 -9.42
CA GLU A 86 12.92 2.08 -10.27
C GLU A 86 11.64 2.91 -10.25
N VAL A 87 11.78 4.23 -10.32
CA VAL A 87 10.63 5.11 -10.19
C VAL A 87 10.67 6.40 -10.99
N LYS A 88 9.52 6.80 -11.53
CA LYS A 88 9.42 8.06 -12.26
C LYS A 88 8.28 8.86 -11.65
N GLN A 89 8.61 9.68 -10.66
CA GLN A 89 7.61 10.48 -9.98
C GLN A 89 7.56 11.83 -10.69
N ALA A 90 6.37 12.22 -11.12
CA ALA A 90 6.23 13.46 -11.86
C ALA A 90 5.24 14.45 -11.29
N GLY A 91 5.38 15.66 -11.77
CA GLY A 91 4.51 16.72 -11.36
C GLY A 91 4.44 17.70 -12.51
N VAL A 92 3.24 18.20 -12.76
CA VAL A 92 3.06 19.20 -13.78
C VAL A 92 2.96 20.47 -12.99
N PHE A 93 3.72 21.48 -13.39
CA PHE A 93 3.70 22.75 -12.67
C PHE A 93 3.41 23.95 -13.57
N THR A 94 2.83 24.97 -12.99
CA THR A 94 2.61 26.22 -13.69
C THR A 94 3.76 27.09 -13.16
N ILE A 95 4.61 27.56 -14.08
CA ILE A 95 5.75 28.39 -13.72
C ILE A 95 5.86 29.54 -14.71
N SER A 96 5.97 30.75 -14.18
CA SER A 96 6.05 31.93 -15.04
C SER A 96 6.79 33.05 -14.32
N GLY A 97 7.24 34.02 -15.10
CA GLY A 97 7.93 35.19 -14.55
C GLY A 97 9.25 34.96 -13.83
N LEU A 98 10.11 34.09 -14.38
CA LEU A 98 11.42 33.81 -13.80
C LEU A 98 12.53 33.98 -14.82
N GLU A 99 13.64 34.57 -14.41
CA GLU A 99 14.77 34.76 -15.31
C GLU A 99 15.50 33.42 -15.46
N ASP A 100 16.14 33.23 -16.61
CA ASP A 100 16.84 31.99 -16.91
C ASP A 100 17.44 31.22 -15.76
N VAL A 101 18.37 31.81 -15.03
CA VAL A 101 18.98 31.05 -13.94
C VAL A 101 18.03 30.67 -12.82
N GLN A 102 17.12 31.55 -12.47
CA GLN A 102 16.18 31.17 -11.42
C GLN A 102 15.39 29.99 -11.95
N MET A 103 14.78 30.18 -13.10
CA MET A 103 14.00 29.12 -13.73
C MET A 103 14.71 27.79 -13.62
N ALA A 104 16.02 27.81 -13.78
CA ALA A 104 16.80 26.59 -13.71
C ALA A 104 16.90 26.06 -12.30
N HIS A 105 16.74 26.93 -11.30
CA HIS A 105 16.82 26.42 -9.92
C HIS A 105 15.46 25.77 -9.59
N CYS A 106 14.43 26.29 -10.26
CA CYS A 106 13.07 25.81 -10.07
C CYS A 106 12.97 24.40 -10.62
N LEU A 107 13.29 24.25 -11.91
CA LEU A 107 13.23 22.99 -12.63
C LEU A 107 14.24 21.97 -12.14
N THR A 108 15.30 22.45 -11.52
CA THR A 108 16.37 21.58 -11.06
C THR A 108 16.45 21.29 -9.59
N SER A 109 15.85 22.14 -8.76
CA SER A 109 15.92 21.89 -7.32
C SER A 109 14.59 22.06 -6.61
N GLN A 110 13.90 23.16 -6.92
CA GLN A 110 12.63 23.41 -6.26
C GLN A 110 11.61 22.34 -6.52
N CYS A 111 11.25 22.18 -7.79
CA CYS A 111 10.24 21.17 -8.16
C CYS A 111 10.70 19.74 -7.79
N PRO A 112 11.90 19.33 -8.24
CA PRO A 112 12.40 18.00 -7.91
C PRO A 112 12.34 17.78 -6.42
N ASN A 113 12.69 18.81 -5.66
CA ASN A 113 12.68 18.64 -4.22
C ASN A 113 11.29 18.38 -3.64
N MET A 114 10.25 18.90 -4.27
CA MET A 114 8.91 18.71 -3.76
C MET A 114 8.36 17.31 -4.07
N LEU A 115 8.83 16.74 -5.17
CA LEU A 115 8.40 15.44 -5.59
C LEU A 115 9.10 14.38 -4.77
N PHE A 116 10.38 14.65 -4.54
CA PHE A 116 11.22 13.69 -3.87
C PHE A 116 10.60 12.88 -2.77
N PRO A 117 9.95 13.55 -1.83
CA PRO A 117 9.32 12.80 -0.74
C PRO A 117 8.16 11.87 -1.17
N TYR A 118 7.57 12.07 -2.35
CA TYR A 118 6.49 11.18 -2.73
C TYR A 118 7.22 9.98 -3.24
N ALA A 119 8.22 10.25 -4.08
CA ALA A 119 9.02 9.16 -4.61
C ALA A 119 9.68 8.36 -3.48
N ARG A 120 10.02 9.01 -2.37
CA ARG A 120 10.63 8.26 -1.29
C ARG A 120 9.63 7.23 -0.83
N GLU A 121 8.43 7.70 -0.46
CA GLU A 121 7.35 6.82 0.02
C GLU A 121 7.08 5.63 -0.92
N LEU A 122 7.07 5.88 -2.23
CA LEU A 122 6.86 4.84 -3.21
C LEU A 122 7.88 3.72 -3.00
N VAL A 123 9.16 4.05 -3.21
CA VAL A 123 10.28 3.12 -3.05
C VAL A 123 10.15 2.37 -1.72
N SER A 124 9.84 3.11 -0.69
CA SER A 124 9.69 2.50 0.61
C SER A 124 8.55 1.48 0.62
N ASN A 125 7.48 1.79 -0.11
CA ASN A 125 6.27 0.95 -0.18
C ASN A 125 6.53 -0.34 -0.96
N LEU A 126 7.12 -0.20 -2.16
CA LEU A 126 7.48 -1.34 -2.98
C LEU A 126 8.36 -2.29 -2.14
N VAL A 127 9.61 -1.87 -1.93
CA VAL A 127 10.58 -2.60 -1.13
C VAL A 127 9.93 -3.32 0.01
N ASN A 128 9.01 -2.65 0.67
CA ASN A 128 8.32 -3.28 1.79
C ASN A 128 7.49 -4.48 1.30
N ARG A 129 7.02 -4.41 0.06
CA ARG A 129 6.19 -5.47 -0.50
C ARG A 129 6.97 -6.74 -0.75
N GLY A 130 8.28 -6.63 -0.77
CA GLY A 130 9.10 -7.80 -0.97
C GLY A 130 9.57 -8.29 0.38
N THR A 131 8.88 -7.88 1.44
CA THR A 131 9.24 -8.23 2.83
C THR A 131 10.67 -7.87 3.24
N PHE A 132 11.40 -7.15 2.38
CA PHE A 132 12.74 -6.72 2.70
C PHE A 132 12.75 -5.76 3.90
N PRO A 133 13.94 -5.36 4.37
CA PRO A 133 13.94 -4.43 5.52
C PRO A 133 13.84 -2.97 5.04
N ALA A 134 13.03 -2.20 5.77
CA ALA A 134 12.77 -0.78 5.48
C ALA A 134 13.86 -0.03 4.72
N LEU A 135 13.50 0.59 3.61
CA LEU A 135 14.47 1.35 2.86
C LEU A 135 13.94 2.78 2.68
N ASN A 136 14.04 3.57 3.76
CA ASN A 136 13.62 4.96 3.78
C ASN A 136 14.66 5.94 3.24
N LEU A 137 14.83 6.01 1.92
CA LEU A 137 15.76 6.90 1.22
C LEU A 137 16.23 8.11 1.98
N SER A 138 17.53 8.34 1.99
CA SER A 138 18.06 9.49 2.71
C SER A 138 17.97 10.71 1.78
N PRO A 139 17.86 11.90 2.38
CA PRO A 139 17.75 13.16 1.67
C PRO A 139 18.72 13.30 0.55
N VAL A 140 18.43 14.27 -0.30
CA VAL A 140 19.29 14.59 -1.42
C VAL A 140 19.36 16.09 -1.30
N ASN A 141 20.49 16.66 -1.67
CA ASN A 141 20.60 18.09 -1.59
C ASN A 141 20.31 18.58 -2.99
N PHE A 142 19.08 18.99 -3.25
CA PHE A 142 18.82 19.44 -4.61
C PHE A 142 19.55 20.70 -4.96
N ASP A 143 19.83 21.55 -3.97
CA ASP A 143 20.54 22.78 -4.29
C ASP A 143 21.89 22.44 -4.88
N ALA A 144 22.63 21.53 -4.24
CA ALA A 144 23.93 21.16 -4.80
C ALA A 144 23.69 20.76 -6.23
N LEU A 145 22.78 19.79 -6.41
CA LEU A 145 22.45 19.28 -7.75
C LEU A 145 22.24 20.42 -8.73
N PHE A 146 21.70 21.53 -8.25
CA PHE A 146 21.49 22.69 -9.09
C PHE A 146 22.86 23.25 -9.49
N VAL A 147 23.67 23.53 -8.49
CA VAL A 147 24.99 24.08 -8.76
C VAL A 147 25.69 23.19 -9.79
N GLU A 148 25.66 21.88 -9.55
CA GLU A 148 26.30 20.93 -10.46
C GLU A 148 25.66 20.99 -11.84
N TYR A 149 24.34 21.20 -11.88
CA TYR A 149 23.65 21.30 -13.14
C TYR A 149 24.25 22.48 -13.91
N MET A 150 24.34 23.63 -13.26
CA MET A 150 24.89 24.82 -13.88
C MET A 150 26.31 24.58 -14.44
N ASN A 151 27.20 23.98 -13.64
CA ASN A 151 28.57 23.71 -14.11
C ASN A 151 28.54 22.89 -15.39
N ARG A 152 27.80 21.79 -15.37
CA ARG A 152 27.70 20.90 -16.53
C ARG A 152 27.27 21.65 -17.78
N GLN A 153 26.36 22.59 -17.63
CA GLN A 153 25.89 23.35 -18.79
C GLN A 153 26.93 24.28 -19.37
N GLN A 154 27.70 24.95 -18.51
CA GLN A 154 28.74 25.83 -18.99
C GLN A 154 29.77 24.92 -19.66
N ALA A 155 30.04 23.79 -19.01
CA ALA A 155 31.01 22.84 -19.52
C ALA A 155 30.71 22.58 -20.99
N GLU A 156 29.54 22.01 -21.23
CA GLU A 156 29.13 21.66 -22.57
C GLU A 156 29.18 22.86 -23.53
N ASN A 157 28.39 23.91 -23.25
CA ASN A 157 28.39 25.09 -24.11
C ASN A 157 29.78 25.29 -24.75
N GLN B 15 -1.77 -35.70 10.27
CA GLN B 15 -2.86 -35.01 9.52
C GLN B 15 -2.28 -34.10 8.42
N PRO B 16 -3.16 -33.40 7.68
CA PRO B 16 -2.77 -32.49 6.59
C PRO B 16 -2.34 -31.14 7.13
N VAL B 17 -1.36 -30.53 6.47
CA VAL B 17 -0.89 -29.25 6.95
C VAL B 17 -0.76 -28.16 5.89
N LEU B 18 -1.27 -26.99 6.28
CA LEU B 18 -1.23 -25.78 5.47
C LEU B 18 -0.94 -24.61 6.38
N GLN B 19 0.16 -23.94 6.11
CA GLN B 19 0.55 -22.78 6.90
C GLN B 19 1.33 -21.84 6.00
N ILE B 20 1.05 -20.55 6.17
CA ILE B 20 1.72 -19.54 5.36
C ILE B 20 3.08 -19.29 5.93
N GLN B 21 4.08 -19.25 5.06
CA GLN B 21 5.42 -18.98 5.52
C GLN B 21 5.76 -17.53 5.24
N ARG B 22 5.48 -17.08 4.02
CA ARG B 22 5.80 -15.74 3.65
C ARG B 22 5.17 -15.25 2.36
N ILE B 23 4.25 -14.31 2.48
CA ILE B 23 3.63 -13.74 1.30
C ILE B 23 4.57 -12.60 0.94
N TYR B 24 4.88 -12.47 -0.34
CA TYR B 24 5.81 -11.43 -0.76
C TYR B 24 5.71 -11.25 -2.27
N VAL B 25 6.17 -10.11 -2.76
CA VAL B 25 6.14 -9.78 -4.19
C VAL B 25 7.46 -10.12 -4.83
N LYS B 26 7.46 -10.44 -6.12
CA LYS B 26 8.70 -10.80 -6.84
C LYS B 26 8.86 -9.97 -8.09
N ASP B 27 7.83 -9.26 -8.47
CA ASP B 27 7.96 -8.43 -9.64
C ASP B 27 6.71 -7.62 -9.80
N VAL B 28 6.89 -6.32 -10.02
CA VAL B 28 5.79 -5.41 -10.19
C VAL B 28 6.27 -4.32 -11.09
N SER B 29 5.40 -3.90 -11.97
CA SER B 29 5.70 -2.84 -12.91
C SER B 29 4.41 -2.07 -13.10
N PHE B 30 4.52 -0.84 -13.55
CA PHE B 30 3.37 -0.01 -13.80
C PHE B 30 3.83 1.04 -14.79
N GLU B 31 3.05 1.30 -15.82
CA GLU B 31 3.47 2.26 -16.82
C GLU B 31 2.26 3.05 -17.30
N ALA B 32 2.39 4.37 -17.40
CA ALA B 32 1.30 5.22 -17.87
C ALA B 32 1.93 6.19 -18.87
N PRO B 33 2.23 5.69 -20.07
CA PRO B 33 2.84 6.35 -21.22
C PRO B 33 2.24 7.61 -21.84
N ASN B 34 1.06 8.04 -21.41
CA ASN B 34 0.49 9.24 -22.04
C ASN B 34 0.11 10.40 -21.15
N LEU B 35 0.84 10.54 -20.04
CA LEU B 35 0.64 11.62 -19.10
C LEU B 35 1.44 12.81 -19.58
N PRO B 36 0.93 14.01 -19.38
CA PRO B 36 -0.36 14.24 -18.72
C PRO B 36 -1.51 14.40 -19.71
N HIS B 37 -1.20 14.75 -20.95
CA HIS B 37 -2.22 14.98 -21.98
C HIS B 37 -3.44 14.04 -21.95
N ILE B 38 -3.24 12.76 -21.64
CA ILE B 38 -4.39 11.88 -21.61
C ILE B 38 -5.46 12.25 -20.59
N PHE B 39 -5.04 12.82 -19.47
CA PHE B 39 -5.97 13.21 -18.41
C PHE B 39 -7.15 14.05 -18.88
N GLN B 40 -6.97 14.72 -20.02
CA GLN B 40 -8.01 15.58 -20.60
C GLN B 40 -9.11 14.80 -21.34
N GLN B 41 -8.84 13.54 -21.67
CA GLN B 41 -9.82 12.73 -22.39
C GLN B 41 -10.94 12.18 -21.52
N GLU B 42 -12.06 11.86 -22.17
CA GLU B 42 -13.26 11.32 -21.51
C GLU B 42 -12.93 9.94 -20.93
N TRP B 43 -13.18 9.76 -19.65
CA TRP B 43 -12.88 8.48 -19.03
C TRP B 43 -13.79 7.31 -19.51
N LYS B 44 -13.43 6.75 -20.66
CA LYS B 44 -14.16 5.65 -21.27
C LYS B 44 -13.23 4.44 -21.22
N PRO B 45 -13.10 3.82 -20.05
CA PRO B 45 -12.22 2.66 -19.86
C PRO B 45 -12.49 1.35 -20.57
N LYS B 46 -11.45 0.77 -21.15
CA LYS B 46 -11.53 -0.54 -21.78
C LYS B 46 -10.49 -1.37 -21.04
N LEU B 47 -10.94 -2.38 -20.30
CA LEU B 47 -10.04 -3.20 -19.48
C LEU B 47 -9.60 -4.59 -19.96
N GLY B 48 -8.29 -4.78 -20.12
CA GLY B 48 -7.75 -6.06 -20.53
C GLY B 48 -7.34 -6.69 -19.22
N PHE B 49 -7.52 -7.98 -19.02
CA PHE B 49 -7.16 -8.56 -17.73
C PHE B 49 -6.85 -10.05 -17.79
N ASP B 50 -5.60 -10.39 -18.08
CA ASP B 50 -5.17 -11.78 -18.14
C ASP B 50 -4.69 -12.17 -16.72
N LEU B 51 -4.89 -13.41 -16.31
CA LEU B 51 -4.45 -13.85 -14.98
C LEU B 51 -3.89 -15.25 -15.08
N SER B 52 -2.94 -15.60 -14.20
CA SER B 52 -2.32 -16.93 -14.26
C SER B 52 -1.63 -17.34 -12.97
N THR B 53 -1.38 -18.63 -12.82
CA THR B 53 -0.70 -19.07 -11.61
C THR B 53 0.40 -20.09 -11.93
N GLU B 54 1.38 -20.21 -11.03
CA GLU B 54 2.51 -21.11 -11.20
C GLU B 54 2.86 -21.70 -9.85
N THR B 55 3.65 -22.75 -9.83
CA THR B 55 4.03 -23.32 -8.55
C THR B 55 5.41 -23.93 -8.58
N THR B 56 6.06 -23.95 -7.42
CA THR B 56 7.41 -24.48 -7.30
C THR B 56 7.74 -24.97 -5.91
N GLN B 57 8.31 -26.16 -5.84
CA GLN B 57 8.69 -26.72 -4.55
C GLN B 57 10.07 -26.15 -4.34
N VAL B 58 10.36 -25.77 -3.10
CA VAL B 58 11.66 -25.20 -2.82
C VAL B 58 12.11 -25.81 -1.53
N GLY B 59 11.33 -26.77 -1.03
CA GLY B 59 11.70 -27.42 0.21
C GLY B 59 10.88 -28.65 0.56
N ASP B 60 11.14 -29.16 1.75
CA ASP B 60 10.44 -30.34 2.25
C ASP B 60 9.06 -29.86 2.68
N ASP B 61 8.11 -29.98 1.77
CA ASP B 61 6.73 -29.53 2.01
C ASP B 61 6.68 -28.02 1.85
N LEU B 62 7.68 -27.49 1.17
CA LEU B 62 7.72 -26.07 0.98
C LEU B 62 7.48 -25.72 -0.45
N TYR B 63 6.32 -25.12 -0.67
CA TYR B 63 5.97 -24.73 -2.02
C TYR B 63 5.77 -23.23 -2.05
N GLU B 64 6.23 -22.63 -3.14
CA GLU B 64 6.12 -21.23 -3.36
C GLU B 64 5.24 -21.01 -4.58
N VAL B 65 4.01 -20.56 -4.32
CA VAL B 65 3.02 -20.28 -5.36
C VAL B 65 3.10 -18.85 -5.87
N VAL B 66 2.99 -18.70 -7.17
CA VAL B 66 3.04 -17.39 -7.75
C VAL B 66 1.71 -17.10 -8.46
N LEU B 67 1.23 -15.87 -8.29
CA LEU B 67 -0.02 -15.44 -8.92
C LEU B 67 0.33 -14.27 -9.84
N ASN B 68 0.16 -14.45 -11.15
CA ASN B 68 0.48 -13.37 -12.07
C ASN B 68 -0.77 -12.59 -12.44
N ILE B 69 -0.64 -11.27 -12.63
CA ILE B 69 -1.77 -10.45 -13.02
C ILE B 69 -1.32 -9.37 -13.98
N SER B 70 -2.10 -9.14 -15.02
CA SER B 70 -1.75 -8.13 -15.99
C SER B 70 -3.01 -7.44 -16.36
N VAL B 71 -3.02 -6.13 -16.28
CA VAL B 71 -4.20 -5.37 -16.66
C VAL B 71 -3.75 -4.26 -17.57
N GLU B 72 -4.67 -3.76 -18.35
CA GLU B 72 -4.31 -2.71 -19.26
C GLU B 72 -5.58 -2.02 -19.66
N THR B 73 -5.59 -0.72 -19.45
CA THR B 73 -6.73 0.11 -19.74
C THR B 73 -6.46 1.03 -20.91
N THR B 74 -7.48 1.18 -21.75
CA THR B 74 -7.38 2.06 -22.91
C THR B 74 -8.65 2.88 -22.91
N LEU B 75 -8.64 3.98 -23.63
CA LEU B 75 -9.83 4.80 -23.66
C LEU B 75 -10.61 4.53 -24.94
N GLU B 76 -11.93 4.35 -24.78
CA GLU B 76 -12.80 4.07 -25.90
C GLU B 76 -12.53 4.92 -27.12
N ASP B 77 -12.80 6.22 -27.01
CA ASP B 77 -12.59 7.12 -28.14
C ASP B 77 -11.24 7.00 -28.84
N SER B 78 -10.19 7.60 -28.31
CA SER B 78 -8.87 7.55 -28.96
C SER B 78 -8.22 6.18 -28.94
N GLY B 79 -8.68 5.30 -28.06
CA GLY B 79 -8.06 3.99 -27.97
C GLY B 79 -6.69 4.08 -27.31
N ASP B 80 -6.25 5.28 -26.94
CA ASP B 80 -4.95 5.41 -26.29
C ASP B 80 -4.89 4.59 -25.02
N VAL B 81 -3.67 4.27 -24.63
CA VAL B 81 -3.46 3.50 -23.42
C VAL B 81 -3.41 4.44 -22.21
N ALA B 82 -4.16 4.09 -21.17
CA ALA B 82 -4.16 4.87 -19.94
C ALA B 82 -3.02 4.30 -19.11
N PHE B 83 -3.06 3.01 -18.84
CA PHE B 83 -1.99 2.40 -18.07
C PHE B 83 -1.84 0.89 -18.26
N ILE B 84 -0.68 0.38 -17.88
CA ILE B 84 -0.42 -1.04 -17.94
C ILE B 84 0.19 -1.34 -16.60
N CYS B 85 -0.25 -2.41 -15.98
CA CYS B 85 0.28 -2.78 -14.68
C CYS B 85 0.42 -4.29 -14.71
N GLU B 86 1.56 -4.82 -14.25
CA GLU B 86 1.79 -6.26 -14.24
C GLU B 86 2.30 -6.54 -12.87
N VAL B 87 1.80 -7.60 -12.28
CA VAL B 87 2.16 -7.97 -10.93
C VAL B 87 2.43 -9.46 -10.78
N LYS B 88 3.40 -9.80 -9.94
CA LYS B 88 3.72 -11.20 -9.66
C LYS B 88 3.72 -11.41 -8.15
N GLN B 89 2.53 -11.64 -7.60
CA GLN B 89 2.41 -11.85 -6.19
C GLN B 89 2.81 -13.26 -5.92
N ALA B 90 3.62 -13.46 -4.90
CA ALA B 90 4.06 -14.79 -4.55
C ALA B 90 3.97 -15.04 -3.06
N GLY B 91 3.98 -16.31 -2.69
CA GLY B 91 3.90 -16.72 -1.31
C GLY B 91 4.52 -18.11 -1.22
N VAL B 92 5.11 -18.43 -0.07
CA VAL B 92 5.75 -19.72 0.13
C VAL B 92 4.97 -20.45 1.22
N PHE B 93 4.53 -21.67 0.93
CA PHE B 93 3.74 -22.42 1.90
C PHE B 93 4.26 -23.81 2.26
N THR B 94 3.80 -24.25 3.41
CA THR B 94 4.10 -25.54 3.95
C THR B 94 2.86 -26.39 3.77
N ILE B 95 2.94 -27.32 2.82
CA ILE B 95 1.82 -28.20 2.51
C ILE B 95 2.18 -29.69 2.66
N SER B 96 1.33 -30.45 3.34
CA SER B 96 1.60 -31.87 3.50
C SER B 96 0.39 -32.71 3.93
N GLY B 97 0.43 -33.99 3.56
CA GLY B 97 -0.63 -34.91 3.91
C GLY B 97 -1.87 -34.77 3.05
N LEU B 98 -1.69 -34.69 1.72
CA LEU B 98 -2.82 -34.53 0.80
C LEU B 98 -2.78 -35.44 -0.41
N GLU B 99 -3.94 -35.98 -0.79
CA GLU B 99 -3.98 -36.82 -1.99
C GLU B 99 -3.56 -35.92 -3.14
N ASP B 100 -2.98 -36.50 -4.18
CA ASP B 100 -2.55 -35.72 -5.33
C ASP B 100 -3.62 -34.74 -5.80
N VAL B 101 -4.88 -35.19 -5.77
CA VAL B 101 -6.00 -34.38 -6.20
C VAL B 101 -6.20 -33.16 -5.29
N GLN B 102 -6.19 -33.37 -3.97
CA GLN B 102 -6.30 -32.26 -3.02
C GLN B 102 -5.13 -31.29 -3.27
N MET B 103 -3.92 -31.83 -3.27
CA MET B 103 -2.74 -31.04 -3.51
C MET B 103 -2.92 -30.07 -4.68
N ALA B 104 -3.43 -30.59 -5.79
CA ALA B 104 -3.62 -29.75 -6.97
C ALA B 104 -4.64 -28.61 -6.75
N HIS B 105 -5.60 -28.83 -5.88
CA HIS B 105 -6.58 -27.82 -5.63
C HIS B 105 -5.89 -26.73 -4.79
N CYS B 106 -5.28 -27.21 -3.73
CA CYS B 106 -4.53 -26.36 -2.82
C CYS B 106 -3.61 -25.42 -3.57
N LEU B 107 -2.91 -25.96 -4.54
CA LEU B 107 -1.97 -25.18 -5.30
C LEU B 107 -2.52 -24.32 -6.41
N THR B 108 -3.61 -24.75 -7.05
CA THR B 108 -4.15 -23.98 -8.18
C THR B 108 -5.28 -23.09 -7.78
N SER B 109 -5.74 -23.28 -6.55
CA SER B 109 -6.87 -22.51 -6.10
C SER B 109 -6.69 -21.90 -4.71
N GLN B 110 -6.71 -22.76 -3.72
CA GLN B 110 -6.59 -22.37 -2.31
C GLN B 110 -5.53 -21.33 -2.06
N CYS B 111 -4.30 -21.64 -2.45
CA CYS B 111 -3.21 -20.73 -2.24
C CYS B 111 -3.36 -19.47 -3.09
N PRO B 112 -3.47 -19.60 -4.43
CA PRO B 112 -3.63 -18.40 -5.25
C PRO B 112 -4.70 -17.50 -4.67
N ASN B 113 -5.73 -18.12 -4.11
CA ASN B 113 -6.81 -17.36 -3.52
C ASN B 113 -6.30 -16.48 -2.39
N MET B 114 -5.47 -17.06 -1.53
CA MET B 114 -4.88 -16.36 -0.39
C MET B 114 -4.08 -15.15 -0.87
N LEU B 115 -3.41 -15.31 -2.00
CA LEU B 115 -2.60 -14.30 -2.59
C LEU B 115 -3.38 -13.22 -3.33
N PHE B 116 -4.60 -13.52 -3.73
CA PHE B 116 -5.35 -12.56 -4.52
C PHE B 116 -5.49 -11.17 -3.93
N PRO B 117 -5.93 -11.05 -2.67
CA PRO B 117 -6.06 -9.69 -2.11
C PRO B 117 -4.73 -8.91 -2.16
N TYR B 118 -3.62 -9.58 -1.83
CA TYR B 118 -2.34 -8.90 -1.86
C TYR B 118 -2.03 -8.30 -3.23
N ALA B 119 -2.24 -9.04 -4.30
CA ALA B 119 -1.90 -8.45 -5.59
C ALA B 119 -2.98 -7.47 -6.03
N ARG B 120 -4.16 -7.58 -5.44
CA ARG B 120 -5.27 -6.71 -5.83
C ARG B 120 -4.95 -5.32 -5.33
N GLU B 121 -4.66 -5.25 -4.02
CA GLU B 121 -4.33 -4.00 -3.36
C GLU B 121 -3.17 -3.37 -4.11
N LEU B 122 -2.13 -4.14 -4.42
CA LEU B 122 -1.03 -3.54 -5.12
C LEU B 122 -1.51 -2.86 -6.40
N VAL B 123 -2.42 -3.52 -7.11
CA VAL B 123 -2.91 -2.94 -8.35
C VAL B 123 -3.66 -1.64 -8.06
N SER B 124 -4.64 -1.70 -7.14
CA SER B 124 -5.37 -0.50 -6.81
C SER B 124 -4.39 0.61 -6.45
N ASN B 125 -3.41 0.26 -5.59
CA ASN B 125 -2.38 1.18 -5.13
C ASN B 125 -1.65 1.91 -6.27
N LEU B 126 -1.08 1.15 -7.19
CA LEU B 126 -0.37 1.74 -8.30
C LEU B 126 -1.26 2.59 -9.21
N VAL B 127 -2.43 2.11 -9.63
CA VAL B 127 -3.19 2.95 -10.54
C VAL B 127 -3.61 4.23 -9.83
N ASN B 128 -3.86 4.16 -8.53
CA ASN B 128 -4.18 5.38 -7.83
C ASN B 128 -2.99 6.37 -7.89
N ARG B 129 -1.75 5.86 -7.94
CA ARG B 129 -0.58 6.78 -8.02
C ARG B 129 -0.45 7.39 -9.41
N GLY B 130 -1.17 6.81 -10.35
CA GLY B 130 -1.20 7.36 -11.70
C GLY B 130 -2.28 8.45 -11.65
N THR B 131 -3.07 8.42 -10.57
CA THR B 131 -4.17 9.39 -10.36
C THR B 131 -5.26 9.14 -11.39
N PHE B 132 -5.53 7.86 -11.59
CA PHE B 132 -6.55 7.37 -12.48
C PHE B 132 -7.68 6.88 -11.57
N PRO B 133 -8.90 6.74 -12.11
CA PRO B 133 -10.01 6.28 -11.28
C PRO B 133 -9.74 4.88 -10.77
N ALA B 134 -10.21 4.60 -9.56
CA ALA B 134 -10.04 3.31 -8.91
C ALA B 134 -10.06 2.08 -9.82
N LEU B 135 -9.30 1.08 -9.43
CA LEU B 135 -9.29 -0.17 -10.15
C LEU B 135 -9.16 -1.23 -9.10
N ASN B 136 -10.30 -1.71 -8.61
CA ASN B 136 -10.31 -2.77 -7.61
C ASN B 136 -10.80 -4.08 -8.27
N LEU B 137 -9.88 -4.95 -8.67
CA LEU B 137 -10.24 -6.20 -9.34
C LEU B 137 -11.41 -6.89 -8.68
N SER B 138 -12.30 -7.42 -9.50
CA SER B 138 -13.47 -8.11 -8.96
C SER B 138 -13.03 -9.47 -8.40
N PRO B 139 -13.77 -9.98 -7.44
CA PRO B 139 -13.49 -11.28 -6.81
C PRO B 139 -13.31 -12.34 -7.88
N VAL B 140 -12.27 -13.14 -7.77
CA VAL B 140 -12.02 -14.18 -8.74
C VAL B 140 -12.43 -15.52 -8.16
N ASN B 141 -12.97 -16.39 -9.02
CA ASN B 141 -13.37 -17.74 -8.62
C ASN B 141 -12.15 -18.65 -8.81
N PHE B 142 -11.53 -19.05 -7.72
CA PHE B 142 -10.35 -19.86 -7.88
C PHE B 142 -10.55 -21.34 -8.16
N ASP B 143 -11.62 -21.92 -7.60
CA ASP B 143 -11.93 -23.32 -7.85
C ASP B 143 -12.04 -23.48 -9.36
N ALA B 144 -12.46 -22.41 -10.02
CA ALA B 144 -12.58 -22.45 -11.46
C ALA B 144 -11.24 -22.86 -12.08
N LEU B 145 -10.18 -22.15 -11.74
CA LEU B 145 -8.86 -22.46 -12.29
C LEU B 145 -8.49 -23.92 -12.04
N PHE B 146 -8.83 -24.42 -10.85
CA PHE B 146 -8.58 -25.81 -10.50
C PHE B 146 -9.25 -26.66 -11.60
N VAL B 147 -10.52 -26.37 -11.83
CA VAL B 147 -11.28 -27.06 -12.83
C VAL B 147 -10.57 -27.03 -14.18
N GLU B 148 -10.18 -25.86 -14.65
CA GLU B 148 -9.46 -25.78 -15.93
C GLU B 148 -8.22 -26.66 -15.83
N TYR B 149 -7.62 -26.68 -14.64
CA TYR B 149 -6.43 -27.50 -14.42
C TYR B 149 -6.81 -28.94 -14.76
N MET B 150 -7.82 -29.47 -14.08
CA MET B 150 -8.28 -30.83 -14.34
C MET B 150 -8.56 -30.96 -15.85
N ASN B 151 -9.49 -30.16 -16.34
CA ASN B 151 -9.88 -30.19 -17.74
C ASN B 151 -8.70 -30.33 -18.72
N ARG B 152 -7.50 -30.04 -18.28
CA ARG B 152 -6.36 -30.12 -19.19
C ARG B 152 -5.55 -31.40 -19.11
N GLN B 153 -5.69 -32.10 -17.99
CA GLN B 153 -4.93 -33.32 -17.73
C GLN B 153 -4.90 -34.37 -18.84
N GLN B 154 -6.06 -34.91 -19.14
CA GLN B 154 -6.22 -35.94 -20.16
C GLN B 154 -5.38 -35.67 -21.40
N ALA B 155 -5.48 -34.48 -21.97
CA ALA B 155 -4.70 -34.20 -23.16
C ALA B 155 -3.22 -34.09 -22.84
N GLU B 156 -2.91 -33.50 -21.69
CA GLU B 156 -1.53 -33.35 -21.32
C GLU B 156 -0.86 -34.71 -21.06
N ASN B 157 -1.53 -35.57 -20.30
CA ASN B 157 -0.97 -36.88 -20.01
C ASN B 157 -0.76 -37.65 -21.28
N ALA B 158 -1.64 -37.42 -22.24
CA ALA B 158 -1.55 -38.09 -23.52
C ALA B 158 -0.24 -37.71 -24.17
N GLU B 159 -0.01 -36.40 -24.29
CA GLU B 159 1.20 -35.88 -24.89
C GLU B 159 2.41 -36.35 -24.10
N GLU B 160 2.32 -36.22 -22.78
CA GLU B 160 3.40 -36.66 -21.89
C GLU B 160 3.72 -38.12 -22.20
N LYS B 161 2.66 -38.92 -22.38
CA LYS B 161 2.82 -40.33 -22.69
C LYS B 161 3.44 -40.51 -24.07
N SER B 162 3.15 -39.60 -24.99
CA SER B 162 3.69 -39.70 -26.36
C SER B 162 5.20 -39.43 -26.51
N GLU B 163 5.89 -39.26 -25.38
CA GLU B 163 7.33 -39.01 -25.40
C GLU B 163 8.11 -40.12 -24.66
N GLN C 15 29.57 20.54 9.22
CA GLN C 15 28.62 19.68 8.47
C GLN C 15 27.58 19.08 9.42
N PRO C 16 26.31 19.45 9.23
CA PRO C 16 25.15 19.01 10.02
C PRO C 16 24.68 17.58 9.73
N VAL C 17 23.72 17.10 10.52
CA VAL C 17 23.22 15.75 10.34
C VAL C 17 21.71 15.56 10.39
N LEU C 18 21.22 15.04 9.26
CA LEU C 18 19.80 14.73 9.08
C LEU C 18 19.68 13.36 8.43
N GLN C 19 19.26 12.38 9.22
CA GLN C 19 19.11 11.05 8.68
C GLN C 19 17.92 10.34 9.26
N ILE C 20 17.27 9.54 8.41
CA ILE C 20 16.07 8.82 8.82
C ILE C 20 16.38 7.46 9.44
N GLN C 21 15.77 7.21 10.60
CA GLN C 21 16.00 5.96 11.31
C GLN C 21 14.82 4.99 11.27
N ARG C 22 13.62 5.51 11.14
CA ARG C 22 12.48 4.61 11.10
C ARG C 22 11.13 5.29 10.85
N ILE C 23 10.63 5.19 9.62
CA ILE C 23 9.30 5.75 9.32
C ILE C 23 8.27 4.71 9.81
N TYR C 24 7.30 5.11 10.62
CA TYR C 24 6.36 4.13 11.14
C TYR C 24 5.03 4.69 11.65
N VAL C 25 4.04 3.83 11.80
CA VAL C 25 2.73 4.26 12.22
C VAL C 25 2.45 3.98 13.68
N LYS C 26 2.20 5.02 14.47
CA LYS C 26 1.92 4.82 15.87
C LYS C 26 0.46 4.51 16.05
N ASP C 27 -0.35 4.95 15.11
CA ASP C 27 -1.77 4.73 15.24
C ASP C 27 -2.52 5.13 13.96
N VAL C 28 -3.63 4.43 13.71
CA VAL C 28 -4.44 4.67 12.54
C VAL C 28 -5.81 4.11 12.80
N SER C 29 -6.82 4.86 12.39
CA SER C 29 -8.19 4.43 12.56
C SER C 29 -9.07 4.84 11.38
N PHE C 30 -9.97 3.95 10.99
CA PHE C 30 -10.88 4.22 9.88
C PHE C 30 -12.24 3.65 10.21
N GLU C 31 -13.25 4.52 10.26
CA GLU C 31 -14.61 4.12 10.58
C GLU C 31 -15.60 4.61 9.53
N ALA C 32 -16.44 3.68 9.05
CA ALA C 32 -17.46 3.93 8.03
C ALA C 32 -18.76 3.36 8.59
N PRO C 33 -19.40 4.11 9.47
CA PRO C 33 -20.63 3.90 10.22
C PRO C 33 -21.99 3.70 9.55
N ASN C 34 -22.14 4.12 8.31
CA ASN C 34 -23.45 3.98 7.67
C ASN C 34 -23.44 3.09 6.45
N LEU C 35 -22.61 2.06 6.53
CA LEU C 35 -22.49 1.09 5.46
C LEU C 35 -23.50 -0.04 5.65
N PRO C 36 -24.05 -0.57 4.55
CA PRO C 36 -23.86 -0.24 3.15
C PRO C 36 -24.89 0.75 2.64
N HIS C 37 -25.72 1.24 3.55
CA HIS C 37 -26.79 2.16 3.21
C HIS C 37 -26.33 3.41 2.50
N ILE C 38 -25.21 3.93 2.95
CA ILE C 38 -24.65 5.15 2.40
C ILE C 38 -24.38 5.01 0.91
N PHE C 39 -24.07 3.80 0.46
CA PHE C 39 -23.81 3.56 -0.97
C PHE C 39 -25.05 3.82 -1.82
N GLN C 40 -26.18 4.07 -1.18
CA GLN C 40 -27.42 4.37 -1.91
C GLN C 40 -27.61 5.87 -2.06
N GLN C 41 -26.75 6.66 -1.41
CA GLN C 41 -26.81 8.13 -1.47
C GLN C 41 -25.94 8.65 -2.59
N GLU C 42 -26.27 9.84 -3.08
CA GLU C 42 -25.48 10.42 -4.14
C GLU C 42 -24.22 10.97 -3.48
N TRP C 43 -23.10 10.78 -4.15
CA TRP C 43 -21.86 11.25 -3.60
C TRP C 43 -21.73 12.77 -3.74
N LYS C 44 -22.06 13.47 -2.67
CA LYS C 44 -21.97 14.94 -2.57
C LYS C 44 -21.22 15.11 -1.25
N PRO C 45 -19.88 15.04 -1.31
CA PRO C 45 -19.01 15.15 -0.14
C PRO C 45 -18.63 16.48 0.38
N LYS C 46 -18.60 16.57 1.70
CA LYS C 46 -18.17 17.76 2.40
C LYS C 46 -17.08 17.16 3.29
N LEU C 47 -15.85 17.51 2.96
CA LEU C 47 -14.66 17.01 3.66
C LEU C 47 -14.11 17.92 4.74
N GLY C 48 -13.91 17.36 5.93
CA GLY C 48 -13.32 18.10 7.05
C GLY C 48 -11.89 17.59 7.18
N PHE C 49 -10.91 18.48 7.29
CA PHE C 49 -9.52 18.07 7.42
C PHE C 49 -8.85 18.79 8.59
N ASP C 50 -8.06 18.05 9.37
CA ASP C 50 -7.34 18.64 10.51
C ASP C 50 -5.95 18.02 10.59
N LEU C 51 -4.92 18.82 10.82
CA LEU C 51 -3.59 18.25 10.97
C LEU C 51 -2.70 18.98 11.96
N SER C 52 -1.93 18.22 12.73
CA SER C 52 -1.02 18.76 13.74
C SER C 52 0.26 17.95 13.80
N THR C 53 1.23 18.55 14.48
CA THR C 53 2.55 17.97 14.65
C THR C 53 3.01 17.92 16.11
N GLU C 54 3.95 17.02 16.40
CA GLU C 54 4.50 16.82 17.73
C GLU C 54 5.93 16.39 17.56
N THR C 55 6.78 16.78 18.49
CA THR C 55 8.15 16.33 18.43
C THR C 55 8.45 15.75 19.80
N THR C 56 9.52 14.97 19.87
CA THR C 56 9.93 14.36 21.13
C THR C 56 11.31 13.81 21.00
N GLN C 57 12.20 14.25 21.90
CA GLN C 57 13.56 13.75 21.89
C GLN C 57 13.43 12.38 22.52
N VAL C 58 14.00 11.39 21.85
CA VAL C 58 13.92 10.07 22.41
C VAL C 58 15.35 9.62 22.62
N GLY C 59 16.17 9.83 21.61
CA GLY C 59 17.56 9.47 21.73
C GLY C 59 18.41 10.70 21.92
N ASP C 60 19.70 10.57 21.63
CA ASP C 60 20.60 11.69 21.75
C ASP C 60 20.87 12.09 20.33
N ASP C 61 20.09 13.07 19.88
CA ASP C 61 20.15 13.57 18.51
C ASP C 61 19.13 12.68 17.80
N LEU C 62 18.09 12.31 18.54
CA LEU C 62 17.07 11.43 18.05
C LEU C 62 15.71 11.88 18.52
N TYR C 63 14.90 12.22 17.53
CA TYR C 63 13.56 12.68 17.80
C TYR C 63 12.53 11.85 17.02
N GLU C 64 11.37 11.70 17.64
CA GLU C 64 10.23 11.03 17.06
C GLU C 64 9.29 12.17 16.71
N VAL C 65 9.22 12.49 15.42
CA VAL C 65 8.32 13.52 14.92
C VAL C 65 7.00 12.83 14.57
N VAL C 66 5.90 13.34 15.08
CA VAL C 66 4.62 12.76 14.75
C VAL C 66 3.74 13.71 13.92
N LEU C 67 3.11 13.18 12.88
CA LEU C 67 2.22 13.93 12.01
C LEU C 67 0.82 13.39 12.21
N ASN C 68 -0.08 14.16 12.81
CA ASN C 68 -1.43 13.67 13.00
C ASN C 68 -2.38 14.27 11.96
N ILE C 69 -3.13 13.39 11.30
CA ILE C 69 -4.08 13.81 10.32
C ILE C 69 -5.41 13.17 10.61
N SER C 70 -6.45 13.97 10.51
CA SER C 70 -7.76 13.48 10.77
C SER C 70 -8.64 14.02 9.66
N VAL C 71 -9.33 13.09 9.01
CA VAL C 71 -10.20 13.42 7.90
C VAL C 71 -11.60 12.89 8.15
N GLU C 72 -12.58 13.67 7.73
CA GLU C 72 -13.97 13.25 7.84
C GLU C 72 -14.78 13.71 6.62
N THR C 73 -15.65 12.85 6.15
CA THR C 73 -16.47 13.16 5.01
C THR C 73 -17.95 12.83 5.23
N THR C 74 -18.80 13.83 5.06
CA THR C 74 -20.23 13.64 5.20
C THR C 74 -20.84 13.87 3.82
N LEU C 75 -22.04 13.34 3.57
CA LEU C 75 -22.71 13.54 2.29
C LEU C 75 -23.79 14.61 2.51
N GLU C 76 -23.81 15.60 1.63
CA GLU C 76 -24.70 16.75 1.74
C GLU C 76 -26.23 16.60 1.87
N ASP C 77 -26.87 15.70 1.12
CA ASP C 77 -28.32 15.59 1.24
C ASP C 77 -28.76 15.02 2.58
N SER C 78 -28.01 14.07 3.11
CA SER C 78 -28.39 13.41 4.36
C SER C 78 -27.64 13.82 5.59
N GLY C 79 -26.51 14.48 5.43
CA GLY C 79 -25.72 14.86 6.58
C GLY C 79 -24.96 13.67 7.15
N ASP C 80 -25.27 12.46 6.72
CA ASP C 80 -24.60 11.24 7.21
C ASP C 80 -23.09 11.20 7.01
N VAL C 81 -22.43 10.50 7.92
CA VAL C 81 -20.97 10.35 7.85
C VAL C 81 -20.56 9.23 6.90
N ALA C 82 -19.77 9.53 5.88
CA ALA C 82 -19.34 8.49 4.98
C ALA C 82 -18.14 7.74 5.62
N PHE C 83 -17.19 8.50 6.14
CA PHE C 83 -16.03 7.90 6.79
C PHE C 83 -15.29 8.94 7.59
N ILE C 84 -14.63 8.46 8.65
CA ILE C 84 -13.80 9.28 9.53
C ILE C 84 -12.52 8.49 9.54
N CYS C 85 -11.39 9.17 9.41
CA CYS C 85 -10.15 8.46 9.40
C CYS C 85 -9.11 9.31 10.09
N GLU C 86 -8.33 8.67 10.97
CA GLU C 86 -7.31 9.36 11.72
C GLU C 86 -6.04 8.57 11.61
N VAL C 87 -4.94 9.27 11.38
CA VAL C 87 -3.67 8.62 11.24
C VAL C 87 -2.54 9.35 12.00
N LYS C 88 -1.73 8.60 12.75
CA LYS C 88 -0.58 9.15 13.47
C LYS C 88 0.66 8.57 12.83
N GLN C 89 1.18 9.29 11.85
CA GLN C 89 2.34 8.85 11.14
C GLN C 89 3.52 9.42 11.87
N ALA C 90 4.49 8.57 12.16
CA ALA C 90 5.64 9.04 12.89
C ALA C 90 6.95 8.71 12.23
N GLY C 91 7.99 9.28 12.78
CA GLY C 91 9.32 9.05 12.30
C GLY C 91 10.25 9.09 13.53
N VAL C 92 11.50 8.75 13.29
CA VAL C 92 12.50 8.79 14.32
C VAL C 92 13.69 9.20 13.52
N PHE C 93 14.19 10.41 13.75
CA PHE C 93 15.34 10.88 12.95
C PHE C 93 16.54 11.33 13.78
N THR C 94 17.69 11.35 13.11
CA THR C 94 18.92 11.81 13.72
C THR C 94 19.14 13.24 13.23
N ILE C 95 18.96 14.18 14.16
CA ILE C 95 19.12 15.58 13.85
C ILE C 95 20.20 16.20 14.74
N SER C 96 21.21 16.78 14.11
CA SER C 96 22.29 17.41 14.84
C SER C 96 22.89 18.60 14.12
N GLY C 97 23.62 19.41 14.88
CA GLY C 97 24.31 20.55 14.31
C GLY C 97 23.51 21.64 13.63
N LEU C 98 22.34 21.98 14.17
CA LEU C 98 21.51 23.02 13.59
C LEU C 98 21.27 24.22 14.50
N GLU C 99 21.31 25.43 13.91
CA GLU C 99 21.07 26.64 14.67
C GLU C 99 19.62 26.54 15.13
N ASP C 100 19.27 27.25 16.20
CA ASP C 100 17.90 27.21 16.71
C ASP C 100 16.78 27.39 15.67
N VAL C 101 16.96 28.25 14.69
CA VAL C 101 15.95 28.45 13.68
C VAL C 101 15.88 27.21 12.78
N GLN C 102 16.96 26.99 12.03
CA GLN C 102 17.03 25.84 11.11
C GLN C 102 16.47 24.57 11.73
N MET C 103 16.84 24.34 12.98
CA MET C 103 16.43 23.17 13.72
C MET C 103 14.94 23.03 13.98
N ALA C 104 14.31 24.11 14.43
CA ALA C 104 12.89 24.07 14.71
C ALA C 104 12.14 23.97 13.39
N HIS C 105 12.76 24.47 12.33
CA HIS C 105 12.14 24.36 11.03
C HIS C 105 12.21 22.91 10.60
N CYS C 106 13.41 22.33 10.68
CA CYS C 106 13.62 20.93 10.35
C CYS C 106 12.62 20.08 11.12
N LEU C 107 12.49 20.34 12.40
CA LEU C 107 11.58 19.58 13.26
C LEU C 107 10.10 19.70 12.99
N THR C 108 9.66 20.92 12.73
CA THR C 108 8.26 21.25 12.53
C THR C 108 7.81 21.32 11.08
N SER C 109 8.74 21.31 10.16
CA SER C 109 8.34 21.42 8.78
C SER C 109 8.99 20.36 7.92
N GLN C 110 10.29 20.50 7.69
CA GLN C 110 11.03 19.54 6.88
C GLN C 110 10.70 18.07 7.18
N CYS C 111 10.57 17.69 8.45
CA CYS C 111 10.29 16.30 8.77
C CYS C 111 8.85 15.95 8.52
N PRO C 112 7.93 16.69 9.14
CA PRO C 112 6.51 16.39 8.93
C PRO C 112 6.23 16.28 7.42
N ASN C 113 6.99 17.02 6.61
CA ASN C 113 6.82 16.97 5.18
C ASN C 113 7.21 15.59 4.66
N MET C 114 8.37 15.11 5.05
CA MET C 114 8.81 13.80 4.59
C MET C 114 7.77 12.77 4.98
N LEU C 115 7.11 12.97 6.11
CA LEU C 115 6.09 12.05 6.59
C LEU C 115 4.74 12.17 5.86
N PHE C 116 4.50 13.32 5.24
CA PHE C 116 3.24 13.53 4.57
C PHE C 116 2.88 12.43 3.57
N PRO C 117 3.78 12.13 2.63
CA PRO C 117 3.45 11.08 1.67
C PRO C 117 3.02 9.78 2.37
N TYR C 118 3.75 9.35 3.42
CA TYR C 118 3.37 8.12 4.13
C TYR C 118 1.95 8.18 4.71
N ALA C 119 1.63 9.26 5.40
CA ALA C 119 0.29 9.37 5.96
C ALA C 119 -0.77 9.47 4.85
N ARG C 120 -0.44 10.17 3.77
CA ARG C 120 -1.36 10.32 2.66
C ARG C 120 -1.77 8.95 2.12
N GLU C 121 -0.77 8.19 1.68
CA GLU C 121 -1.00 6.89 1.11
C GLU C 121 -1.89 6.09 2.03
N LEU C 122 -1.64 6.18 3.33
CA LEU C 122 -2.47 5.39 4.24
C LEU C 122 -3.96 5.80 4.14
N VAL C 123 -4.22 7.10 4.07
CA VAL C 123 -5.61 7.56 3.99
C VAL C 123 -6.25 7.08 2.68
N SER C 124 -5.59 7.33 1.55
CA SER C 124 -6.15 6.90 0.30
C SER C 124 -6.40 5.39 0.34
N ASN C 125 -5.46 4.66 0.93
CA ASN C 125 -5.57 3.20 1.01
C ASN C 125 -6.82 2.78 1.79
N LEU C 126 -7.05 3.38 2.94
CA LEU C 126 -8.23 3.02 3.70
C LEU C 126 -9.57 3.52 3.12
N VAL C 127 -9.63 4.74 2.60
CA VAL C 127 -10.90 5.20 2.07
C VAL C 127 -11.20 4.23 0.93
N ASN C 128 -10.17 3.78 0.22
CA ASN C 128 -10.43 2.86 -0.87
C ASN C 128 -10.96 1.49 -0.43
N ARG C 129 -10.66 1.05 0.81
CA ARG C 129 -11.16 -0.25 1.27
C ARG C 129 -12.59 -0.09 1.68
N GLY C 130 -13.01 1.16 1.85
CA GLY C 130 -14.40 1.39 2.18
C GLY C 130 -15.17 1.55 0.86
N THR C 131 -14.44 1.44 -0.25
CA THR C 131 -14.99 1.55 -1.60
C THR C 131 -15.63 2.91 -1.85
N PHE C 132 -15.01 3.97 -1.35
CA PHE C 132 -15.53 5.29 -1.59
C PHE C 132 -14.62 5.92 -2.63
N PRO C 133 -15.09 6.98 -3.27
CA PRO C 133 -14.27 7.66 -4.29
C PRO C 133 -12.91 8.01 -3.71
N ALA C 134 -11.91 8.07 -4.56
CA ALA C 134 -10.57 8.37 -4.09
C ALA C 134 -10.43 9.62 -3.24
N LEU C 135 -9.52 9.56 -2.27
CA LEU C 135 -9.17 10.67 -1.42
C LEU C 135 -7.63 10.76 -1.37
N ASN C 136 -7.09 11.64 -2.19
CA ASN C 136 -5.64 11.85 -2.20
C ASN C 136 -5.37 13.26 -1.71
N LEU C 137 -5.03 13.37 -0.42
CA LEU C 137 -4.73 14.65 0.21
C LEU C 137 -3.79 15.50 -0.62
N SER C 138 -4.16 16.76 -0.76
CA SER C 138 -3.38 17.72 -1.53
C SER C 138 -2.19 18.13 -0.69
N PRO C 139 -1.19 18.71 -1.34
CA PRO C 139 0.02 19.15 -0.63
C PRO C 139 -0.28 20.08 0.55
N VAL C 140 0.41 19.84 1.64
CA VAL C 140 0.28 20.66 2.83
C VAL C 140 1.48 21.61 2.91
N ASN C 141 1.24 22.87 3.25
CA ASN C 141 2.35 23.82 3.38
C ASN C 141 2.77 23.83 4.84
N PHE C 142 3.89 23.17 5.16
CA PHE C 142 4.38 23.08 6.54
C PHE C 142 5.13 24.31 7.03
N ASP C 143 5.75 25.03 6.10
CA ASP C 143 6.46 26.27 6.39
C ASP C 143 5.46 27.28 6.94
N ALA C 144 4.25 27.26 6.41
CA ALA C 144 3.21 28.18 6.87
C ALA C 144 2.79 27.81 8.27
N LEU C 145 2.72 26.51 8.53
CA LEU C 145 2.33 26.07 9.86
C LEU C 145 3.48 26.38 10.80
N PHE C 146 4.70 26.41 10.26
CA PHE C 146 5.91 26.71 11.01
C PHE C 146 5.89 28.15 11.49
N VAL C 147 5.52 29.05 10.58
CA VAL C 147 5.42 30.47 10.86
C VAL C 147 4.39 30.70 11.98
N GLU C 148 3.24 30.03 11.89
CA GLU C 148 2.22 30.19 12.93
C GLU C 148 2.69 29.63 14.26
N TYR C 149 3.55 28.62 14.20
CA TYR C 149 4.10 28.00 15.40
C TYR C 149 4.82 29.10 16.17
N MET C 150 5.58 29.90 15.43
CA MET C 150 6.34 31.02 16.00
C MET C 150 5.43 32.16 16.51
N ASN C 151 4.35 32.45 15.80
CA ASN C 151 3.41 33.48 16.20
C ASN C 151 2.66 33.07 17.47
N ARG C 152 2.89 31.83 17.90
CA ARG C 152 2.26 31.31 19.11
C ARG C 152 3.26 31.41 20.26
N GLN C 153 4.51 31.02 19.99
CA GLN C 153 5.56 31.09 21.01
C GLN C 153 5.78 32.54 21.41
N GLN C 154 5.98 33.40 20.41
CA GLN C 154 6.21 34.83 20.64
C GLN C 154 5.03 35.46 21.37
N ALA C 155 3.86 34.83 21.26
CA ALA C 155 2.65 35.33 21.92
C ALA C 155 2.86 35.34 23.43
N GLU C 156 4.00 34.80 23.86
CA GLU C 156 4.36 34.75 25.27
C GLU C 156 5.50 35.75 25.53
N VAL D 17 -29.14 -19.35 -4.93
CA VAL D 17 -28.39 -18.16 -5.44
C VAL D 17 -27.44 -17.54 -4.41
N LEU D 18 -26.17 -17.36 -4.79
CA LEU D 18 -25.15 -16.78 -3.92
C LEU D 18 -24.01 -16.09 -4.68
N GLN D 19 -23.98 -14.75 -4.63
CA GLN D 19 -22.92 -13.99 -5.28
C GLN D 19 -22.53 -12.73 -4.50
N ILE D 20 -21.24 -12.42 -4.53
CA ILE D 20 -20.68 -11.25 -3.83
C ILE D 20 -20.92 -9.97 -4.61
N GLN D 21 -21.61 -9.01 -4.00
CA GLN D 21 -21.92 -7.72 -4.65
C GLN D 21 -20.91 -6.62 -4.34
N ARG D 22 -20.48 -6.52 -3.07
CA ARG D 22 -19.51 -5.50 -2.68
C ARG D 22 -18.73 -5.96 -1.47
N ILE D 23 -17.42 -5.73 -1.51
CA ILE D 23 -16.51 -6.07 -0.42
C ILE D 23 -15.96 -4.78 0.14
N TYR D 24 -16.04 -4.60 1.45
CA TYR D 24 -15.56 -3.35 2.04
C TYR D 24 -15.37 -3.38 3.55
N VAL D 25 -14.58 -2.44 4.03
CA VAL D 25 -14.31 -2.32 5.45
C VAL D 25 -15.29 -1.40 6.21
N LYS D 26 -15.81 -1.85 7.34
CA LYS D 26 -16.72 -1.00 8.12
C LYS D 26 -15.93 -0.29 9.21
N ASP D 27 -14.84 -0.90 9.66
CA ASP D 27 -14.03 -0.32 10.72
C ASP D 27 -12.66 -0.98 10.81
N VAL D 28 -11.66 -0.19 11.16
CA VAL D 28 -10.30 -0.70 11.26
C VAL D 28 -9.51 0.18 12.20
N SER D 29 -8.71 -0.45 13.05
CA SER D 29 -7.86 0.23 14.02
C SER D 29 -6.52 -0.50 14.15
N PHE D 30 -5.47 0.22 14.53
CA PHE D 30 -4.16 -0.39 14.68
C PHE D 30 -3.25 0.49 15.49
N GLU D 31 -3.25 0.27 16.80
CA GLU D 31 -2.40 1.05 17.70
C GLU D 31 -1.24 0.27 18.24
N ALA D 32 -0.10 0.93 18.22
CA ALA D 32 1.18 0.41 18.71
C ALA D 32 1.70 1.50 19.67
N PRO D 33 1.15 1.57 20.89
CA PRO D 33 1.55 2.58 21.85
C PRO D 33 2.91 2.54 22.54
N ASN D 34 3.89 1.85 21.96
CA ASN D 34 5.22 1.82 22.59
C ASN D 34 6.31 1.97 21.59
N LEU D 35 6.13 2.89 20.67
CA LEU D 35 7.16 3.16 19.67
C LEU D 35 7.85 4.44 20.11
N PRO D 36 9.15 4.56 19.80
CA PRO D 36 9.97 3.59 19.09
C PRO D 36 10.82 2.77 20.08
N HIS D 37 10.44 2.84 21.36
CA HIS D 37 11.20 2.13 22.39
C HIS D 37 10.82 0.67 22.53
N ILE D 38 11.13 -0.10 21.49
CA ILE D 38 10.91 -1.55 21.40
C ILE D 38 11.65 -2.07 20.19
N PHE D 39 11.67 -1.31 19.09
CA PHE D 39 12.43 -1.72 17.88
C PHE D 39 13.83 -2.21 18.28
N GLN D 40 14.23 -1.91 19.52
CA GLN D 40 15.55 -2.28 20.03
C GLN D 40 15.66 -3.75 20.51
N GLN D 41 14.52 -4.34 20.87
CA GLN D 41 14.43 -5.71 21.38
C GLN D 41 14.42 -6.78 20.29
N GLU D 42 13.97 -7.97 20.66
CA GLU D 42 13.83 -9.10 19.75
C GLU D 42 12.42 -9.65 19.90
N TRP D 43 12.05 -10.57 19.00
CA TRP D 43 10.73 -11.13 19.05
C TRP D 43 10.42 -12.22 20.04
N LYS D 44 9.48 -11.92 20.94
CA LYS D 44 8.99 -12.88 21.95
C LYS D 44 7.47 -12.65 22.03
N PRO D 45 6.77 -12.75 20.86
CA PRO D 45 5.31 -12.56 20.63
C PRO D 45 4.28 -13.52 21.21
N LYS D 46 3.16 -12.95 21.62
CA LYS D 46 2.06 -13.71 22.18
C LYS D 46 0.80 -13.11 21.56
N LEU D 47 0.44 -13.67 20.40
CA LEU D 47 -0.73 -13.24 19.64
C LEU D 47 -2.00 -13.55 20.41
N GLY D 48 -2.99 -12.69 20.27
CA GLY D 48 -4.25 -12.86 20.98
C GLY D 48 -5.44 -12.72 20.06
N PHE D 49 -5.66 -13.76 19.26
CA PHE D 49 -6.74 -13.85 18.28
C PHE D 49 -8.13 -13.87 18.94
N ASP D 50 -9.12 -13.53 18.14
CA ASP D 50 -10.50 -13.51 18.57
C ASP D 50 -11.21 -13.22 17.25
N LEU D 51 -12.43 -13.72 17.08
CA LEU D 51 -13.09 -13.53 15.81
C LEU D 51 -14.59 -13.76 15.87
N SER D 52 -15.35 -12.88 15.24
CA SER D 52 -16.80 -13.00 15.24
C SER D 52 -17.32 -12.90 13.83
N THR D 53 -18.63 -13.06 13.72
CA THR D 53 -19.32 -12.97 12.45
C THR D 53 -20.71 -12.48 12.74
N GLU D 54 -21.18 -11.60 11.89
CA GLU D 54 -22.50 -11.05 12.06
C GLU D 54 -23.09 -10.94 10.68
N THR D 55 -24.37 -11.22 10.56
CA THR D 55 -25.06 -11.11 9.29
C THR D 55 -26.25 -10.20 9.52
N THR D 56 -26.61 -9.45 8.50
CA THR D 56 -27.76 -8.57 8.61
C THR D 56 -28.43 -8.46 7.27
N GLN D 57 -29.74 -8.58 7.25
CA GLN D 57 -30.43 -8.49 5.99
C GLN D 57 -30.55 -7.02 5.67
N VAL D 58 -30.07 -6.63 4.52
CA VAL D 58 -30.12 -5.23 4.18
C VAL D 58 -30.96 -4.99 2.95
N GLY D 59 -31.60 -6.05 2.45
CA GLY D 59 -32.42 -5.90 1.27
C GLY D 59 -33.02 -7.20 0.76
N ASP D 60 -33.65 -7.11 -0.39
CA ASP D 60 -34.26 -8.26 -1.02
C ASP D 60 -33.19 -9.29 -1.34
N ASP D 61 -33.06 -10.30 -0.48
CA ASP D 61 -32.05 -11.34 -0.68
C ASP D 61 -30.66 -10.71 -0.64
N LEU D 62 -30.50 -9.76 0.28
CA LEU D 62 -29.23 -9.09 0.42
C LEU D 62 -28.83 -9.13 1.87
N TYR D 63 -27.69 -9.76 2.12
CA TYR D 63 -27.18 -9.89 3.47
C TYR D 63 -25.79 -9.29 3.63
N GLU D 64 -25.55 -8.60 4.75
CA GLU D 64 -24.23 -8.05 4.99
C GLU D 64 -23.50 -8.95 5.97
N VAL D 65 -22.53 -9.71 5.46
CA VAL D 65 -21.74 -10.57 6.33
C VAL D 65 -20.53 -9.81 6.82
N VAL D 66 -20.42 -9.71 8.14
CA VAL D 66 -19.33 -8.99 8.74
C VAL D 66 -18.38 -9.88 9.53
N LEU D 67 -17.13 -9.89 9.13
CA LEU D 67 -16.10 -10.67 9.79
C LEU D 67 -15.24 -9.81 10.73
N ASN D 68 -15.42 -9.98 12.04
CA ASN D 68 -14.70 -9.26 13.09
C ASN D 68 -13.43 -10.01 13.54
N ILE D 69 -12.27 -9.35 13.48
CA ILE D 69 -10.99 -9.95 13.89
C ILE D 69 -10.16 -9.04 14.80
N SER D 70 -9.65 -9.59 15.91
CA SER D 70 -8.81 -8.82 16.84
C SER D 70 -7.48 -9.55 16.98
N VAL D 71 -6.38 -8.84 16.95
CA VAL D 71 -5.10 -9.50 17.11
C VAL D 71 -4.14 -8.68 17.94
N GLU D 72 -4.22 -8.88 19.26
CA GLU D 72 -3.37 -8.16 20.21
C GLU D 72 -2.02 -8.81 20.55
N THR D 73 -1.02 -8.62 19.70
CA THR D 73 0.32 -9.15 19.98
C THR D 73 0.90 -8.51 21.25
N THR D 74 1.14 -9.31 22.29
CA THR D 74 1.75 -8.84 23.54
C THR D 74 3.14 -9.47 23.55
N LEU D 75 4.18 -8.68 23.74
CA LEU D 75 5.54 -9.21 23.79
C LEU D 75 5.81 -9.78 25.20
N GLU D 76 5.58 -11.09 25.35
CA GLU D 76 5.76 -11.82 26.62
C GLU D 76 7.14 -11.70 27.24
N ASP D 77 7.13 -11.60 28.57
CA ASP D 77 8.32 -11.43 29.43
C ASP D 77 8.35 -9.95 29.80
N SER D 78 8.25 -9.08 28.79
CA SER D 78 8.20 -7.64 28.98
C SER D 78 6.78 -7.35 29.48
N GLY D 79 5.79 -7.94 28.81
CA GLY D 79 4.39 -7.79 29.20
C GLY D 79 3.60 -6.75 28.41
N ASP D 80 4.31 -5.72 27.92
CA ASP D 80 3.71 -4.63 27.17
C ASP D 80 3.07 -5.08 25.85
N VAL D 81 2.19 -4.23 25.32
CA VAL D 81 1.51 -4.48 24.06
C VAL D 81 2.41 -4.01 22.91
N ALA D 82 2.52 -4.81 21.86
CA ALA D 82 3.34 -4.43 20.71
C ALA D 82 2.38 -3.77 19.70
N PHE D 83 1.12 -4.20 19.75
CA PHE D 83 0.07 -3.65 18.90
C PHE D 83 -1.29 -4.33 19.03
N ILE D 84 -2.32 -3.61 18.62
CA ILE D 84 -3.66 -4.12 18.71
C ILE D 84 -4.33 -3.72 17.42
N CYS D 85 -4.70 -4.73 16.62
CA CYS D 85 -5.37 -4.54 15.33
C CYS D 85 -6.82 -5.03 15.43
N GLU D 86 -7.76 -4.21 15.00
CA GLU D 86 -9.15 -4.61 15.07
C GLU D 86 -9.87 -4.25 13.79
N VAL D 87 -10.09 -5.27 12.99
CA VAL D 87 -10.70 -5.16 11.69
C VAL D 87 -12.13 -5.65 11.56
N LYS D 88 -12.91 -4.92 10.78
CA LYS D 88 -14.27 -5.32 10.48
C LYS D 88 -14.31 -5.36 8.96
N GLN D 89 -14.02 -6.53 8.39
CA GLN D 89 -14.05 -6.72 6.96
C GLN D 89 -15.45 -7.28 6.67
N ALA D 90 -16.13 -6.72 5.67
CA ALA D 90 -17.48 -7.17 5.37
C ALA D 90 -17.81 -7.28 3.92
N GLY D 91 -18.99 -7.83 3.66
CA GLY D 91 -19.44 -7.97 2.31
C GLY D 91 -20.94 -8.04 2.24
N VAL D 92 -21.48 -7.63 1.10
CA VAL D 92 -22.91 -7.69 0.83
C VAL D 92 -23.08 -8.83 -0.17
N PHE D 93 -23.84 -9.85 0.21
CA PHE D 93 -24.06 -11.00 -0.65
C PHE D 93 -25.52 -11.21 -1.02
N THR D 94 -25.76 -11.62 -2.26
CA THR D 94 -27.12 -11.91 -2.69
C THR D 94 -27.24 -13.40 -2.37
N ILE D 95 -28.21 -13.75 -1.52
CA ILE D 95 -28.41 -15.14 -1.11
C ILE D 95 -29.89 -15.50 -1.03
N SER D 96 -30.30 -16.53 -1.77
CA SER D 96 -31.70 -16.95 -1.76
C SER D 96 -31.92 -18.44 -2.00
N GLY D 97 -33.01 -18.96 -1.43
CA GLY D 97 -33.37 -20.35 -1.60
C GLY D 97 -32.51 -21.39 -0.88
N LEU D 98 -32.59 -21.39 0.45
CA LEU D 98 -31.83 -22.34 1.25
C LEU D 98 -32.64 -22.86 2.43
N GLU D 99 -32.59 -24.17 2.65
CA GLU D 99 -33.29 -24.75 3.78
C GLU D 99 -32.73 -24.06 5.02
N ASP D 100 -33.60 -23.72 5.95
CA ASP D 100 -33.23 -23.04 7.19
C ASP D 100 -31.76 -23.15 7.61
N VAL D 101 -31.36 -24.31 8.14
CA VAL D 101 -29.99 -24.53 8.60
C VAL D 101 -28.87 -24.40 7.53
N GLN D 102 -29.09 -24.93 6.34
CA GLN D 102 -28.07 -24.82 5.30
C GLN D 102 -27.75 -23.35 4.96
N MET D 103 -28.64 -22.46 5.40
CA MET D 103 -28.47 -21.02 5.19
C MET D 103 -27.45 -20.60 6.23
N ALA D 104 -27.69 -21.02 7.46
CA ALA D 104 -26.80 -20.71 8.56
C ALA D 104 -25.38 -20.94 8.09
N HIS D 105 -25.13 -22.10 7.49
CA HIS D 105 -23.80 -22.46 7.01
C HIS D 105 -23.23 -21.42 6.05
N CYS D 106 -24.10 -20.83 5.24
CA CYS D 106 -23.68 -19.82 4.27
C CYS D 106 -23.25 -18.55 5.00
N LEU D 107 -24.15 -18.06 5.85
CA LEU D 107 -23.95 -16.85 6.63
C LEU D 107 -22.92 -16.92 7.76
N THR D 108 -22.55 -18.13 8.17
CA THR D 108 -21.63 -18.23 9.27
C THR D 108 -20.34 -18.93 8.94
N SER D 109 -20.32 -19.70 7.87
CA SER D 109 -19.08 -20.38 7.51
C SER D 109 -18.63 -20.02 6.11
N GLN D 110 -19.51 -20.26 5.14
CA GLN D 110 -19.22 -20.02 3.75
C GLN D 110 -18.82 -18.59 3.38
N CYS D 111 -19.66 -17.61 3.71
CA CYS D 111 -19.37 -16.22 3.39
C CYS D 111 -18.16 -15.66 4.13
N PRO D 112 -18.09 -15.88 5.45
CA PRO D 112 -16.95 -15.37 6.19
C PRO D 112 -15.63 -15.84 5.59
N ASN D 113 -15.52 -17.14 5.34
CA ASN D 113 -14.30 -17.70 4.77
C ASN D 113 -13.99 -16.96 3.47
N MET D 114 -15.02 -16.50 2.78
CA MET D 114 -14.77 -15.78 1.55
C MET D 114 -14.09 -14.43 1.80
N LEU D 115 -14.46 -13.80 2.91
CA LEU D 115 -13.96 -12.49 3.33
C LEU D 115 -12.60 -12.52 4.00
N PHE D 116 -12.34 -13.60 4.73
CA PHE D 116 -11.11 -13.77 5.47
C PHE D 116 -9.82 -13.41 4.73
N PRO D 117 -9.65 -13.89 3.51
CA PRO D 117 -8.39 -13.50 2.87
C PRO D 117 -8.23 -11.99 2.62
N TYR D 118 -9.33 -11.25 2.68
CA TYR D 118 -9.23 -9.82 2.47
C TYR D 118 -8.88 -9.27 3.85
N ALA D 119 -9.53 -9.82 4.86
CA ALA D 119 -9.26 -9.42 6.22
C ALA D 119 -7.81 -9.77 6.54
N ARG D 120 -7.20 -10.66 5.76
CA ARG D 120 -5.82 -11.07 6.01
C ARG D 120 -4.80 -10.04 5.52
N GLU D 121 -4.83 -9.70 4.23
CA GLU D 121 -3.85 -8.74 3.74
C GLU D 121 -4.07 -7.40 4.37
N LEU D 122 -5.26 -7.17 4.93
CA LEU D 122 -5.47 -5.88 5.58
C LEU D 122 -4.56 -5.92 6.80
N VAL D 123 -4.78 -6.88 7.69
CA VAL D 123 -3.95 -7.01 8.89
C VAL D 123 -2.47 -7.04 8.54
N SER D 124 -2.11 -7.72 7.47
CA SER D 124 -0.69 -7.76 7.10
C SER D 124 -0.25 -6.33 6.85
N ASN D 125 -0.91 -5.69 5.90
CA ASN D 125 -0.63 -4.34 5.47
C ASN D 125 -0.41 -3.32 6.60
N LEU D 126 -1.31 -3.32 7.59
CA LEU D 126 -1.18 -2.43 8.73
C LEU D 126 0.11 -2.76 9.46
N VAL D 127 0.16 -3.97 10.02
CA VAL D 127 1.33 -4.48 10.74
C VAL D 127 2.61 -4.11 10.05
N ASN D 128 2.60 -4.14 8.73
CA ASN D 128 3.80 -3.79 8.01
C ASN D 128 4.06 -2.28 8.03
N ARG D 129 3.04 -1.52 8.39
CA ARG D 129 3.18 -0.07 8.45
C ARG D 129 3.75 0.29 9.83
N GLY D 130 3.50 -0.60 10.79
CA GLY D 130 4.00 -0.43 12.14
C GLY D 130 5.44 -0.95 12.20
N THR D 131 5.98 -1.28 11.03
CA THR D 131 7.36 -1.78 10.89
C THR D 131 7.64 -3.14 11.57
N PHE D 132 6.67 -3.62 12.35
CA PHE D 132 6.77 -4.91 13.02
C PHE D 132 7.02 -6.03 12.00
N PRO D 133 7.21 -7.28 12.48
CA PRO D 133 7.46 -8.42 11.58
C PRO D 133 6.17 -8.95 10.95
N ALA D 134 6.26 -9.22 9.64
CA ALA D 134 5.13 -9.70 8.85
C ALA D 134 4.17 -10.66 9.59
N LEU D 135 2.90 -10.28 9.69
CA LEU D 135 1.89 -11.12 10.33
C LEU D 135 0.89 -11.61 9.30
N ASN D 136 1.14 -12.76 8.69
CA ASN D 136 0.21 -13.31 7.71
C ASN D 136 -0.71 -14.27 8.46
N LEU D 137 -1.89 -13.80 8.92
CA LEU D 137 -2.81 -14.63 9.68
C LEU D 137 -2.93 -16.08 9.20
N SER D 138 -3.15 -17.00 10.13
CA SER D 138 -3.26 -18.40 9.75
C SER D 138 -4.70 -18.79 9.47
N PRO D 139 -4.88 -19.78 8.59
CA PRO D 139 -6.20 -20.27 8.20
C PRO D 139 -7.11 -20.60 9.38
N VAL D 140 -8.39 -20.33 9.21
CA VAL D 140 -9.39 -20.58 10.24
C VAL D 140 -10.35 -21.68 9.77
N ASN D 141 -10.65 -22.64 10.64
CA ASN D 141 -11.59 -23.67 10.22
C ASN D 141 -12.97 -23.05 10.39
N PHE D 142 -13.51 -22.48 9.32
CA PHE D 142 -14.81 -21.84 9.41
C PHE D 142 -16.00 -22.76 9.63
N ASP D 143 -15.88 -24.03 9.24
CA ASP D 143 -16.97 -24.98 9.44
C ASP D 143 -17.02 -25.39 10.91
N ALA D 144 -15.85 -25.65 11.49
CA ALA D 144 -15.73 -26.03 12.89
C ALA D 144 -16.37 -24.99 13.81
N LEU D 145 -16.21 -23.71 13.47
CA LEU D 145 -16.78 -22.63 14.27
C LEU D 145 -18.30 -22.70 14.13
N PHE D 146 -18.74 -22.95 12.89
CA PHE D 146 -20.15 -23.06 12.59
C PHE D 146 -20.86 -24.02 13.54
N VAL D 147 -20.17 -25.10 13.89
CA VAL D 147 -20.72 -26.10 14.81
C VAL D 147 -21.00 -25.48 16.17
N GLU D 148 -19.96 -24.96 16.81
CA GLU D 148 -20.09 -24.36 18.12
C GLU D 148 -21.05 -23.18 18.13
N TYR D 149 -21.66 -22.91 16.99
CA TYR D 149 -22.62 -21.81 16.88
C TYR D 149 -24.02 -22.31 17.20
N MET D 150 -24.50 -23.26 16.41
CA MET D 150 -25.83 -23.83 16.60
C MET D 150 -26.09 -24.32 18.03
N ASN D 151 -25.09 -24.15 18.89
CA ASN D 151 -25.19 -24.58 20.27
C ASN D 151 -25.43 -23.39 21.22
#